data_3BCA
#
_entry.id   3BCA
#
_cell.length_a   59.222
_cell.length_b   138.371
_cell.length_c   141.520
_cell.angle_alpha   90.00
_cell.angle_beta   90.00
_cell.angle_gamma   90.00
#
_symmetry.space_group_name_H-M   'I 2 2 2'
#
loop_
_entity.id
_entity.type
_entity.pdbx_description
1 polymer 'O-phosphoseryl-tRNA(Sec) selenium transferase'
2 non-polymer 'IODIDE ION'
3 water water
#
_entity_poly.entity_id   1
_entity_poly.type   'polypeptide(L)'
_entity_poly.pdbx_seq_one_letter_code
;RQGCEARRAHEHLIRLLLEQGKCPEDGWDESTLELFLHELAVMDSNNFLGNCGVGEREGRVASALVARRHYRFIHGIGRS
GDISAVQPKAAGSSLLNKITNSLVLNVIKLAGVHSVASCFVVPMATGMSLTLCFLTLRHKRPKAKYIIWPRIDQKSCFKS
MVTAGFEPVVIENVLEGDELRTDLKAVEAKIQELGPEHILCLHSTTACFAPRVPDRLEELAVICANYDIPHVVNNAYGLQ
SSKCMHLIQQGARVGRIDAFVQSLD(LLP)NFMVPVGGAIIAGFNEPFIQDISKMYPGRASASPSLDVLITLLSLGCSGY
RKLLKERKEMFVYLSTQLKKLAEAHNERLLQTPHNPISLAMTLKTIDGHHDKAVTQLGSMLFTRQVSGARAVPLGNVQTV
SGHTFRGFMSHADNYPCAYLNAAAAIGMKMQDVDLFIKRLDKCLNIVRKEQTRA
;
_entity_poly.pdbx_strand_id   A
#
loop_
_chem_comp.id
_chem_comp.type
_chem_comp.name
_chem_comp.formula
IOD non-polymer 'IODIDE ION' 'I -1'
#
# COMPACT_ATOMS: atom_id res chain seq x y z
N GLU A 5 -2.79 34.00 25.91
CA GLU A 5 -4.12 33.84 25.26
C GLU A 5 -4.26 32.46 24.65
N ALA A 6 -5.43 31.88 24.86
CA ALA A 6 -5.75 30.56 24.36
C ALA A 6 -5.63 30.47 22.84
N ARG A 7 -6.20 31.47 22.15
CA ARG A 7 -6.23 31.51 20.68
C ARG A 7 -4.83 31.56 20.05
N ARG A 8 -3.92 32.32 20.65
CA ARG A 8 -2.53 32.42 20.19
C ARG A 8 -1.80 31.08 20.23
N ALA A 9 -2.12 30.27 21.24
CA ALA A 9 -1.52 28.93 21.36
C ALA A 9 -1.92 28.04 20.18
N HIS A 10 -3.20 28.09 19.80
CA HIS A 10 -3.69 27.38 18.62
C HIS A 10 -2.99 27.91 17.35
N GLU A 11 -2.97 29.22 17.18
CA GLU A 11 -2.31 29.83 16.02
C GLU A 11 -0.83 29.51 15.90
N HIS A 12 -0.13 29.41 17.05
CA HIS A 12 1.27 29.03 17.06
C HIS A 12 1.50 27.66 16.41
N LEU A 13 0.62 26.70 16.74
CA LEU A 13 0.70 25.35 16.19
C LEU A 13 0.42 25.34 14.69
N ILE A 14 -0.62 26.08 14.30
CA ILE A 14 -0.98 26.22 12.90
C ILE A 14 0.16 26.86 12.11
N ARG A 15 0.71 27.95 12.63
CA ARG A 15 1.78 28.69 11.96
C ARG A 15 3.03 27.81 11.76
N LEU A 16 3.33 26.99 12.77
CA LEU A 16 4.45 26.06 12.72
C LEU A 16 4.24 24.95 11.68
N LEU A 17 3.01 24.47 11.57
CA LEU A 17 2.65 23.57 10.48
C LEU A 17 2.87 24.23 9.12
N LEU A 18 2.43 25.48 8.98
CA LEU A 18 2.47 26.15 7.68
C LEU A 18 3.87 26.56 7.23
N GLU A 19 4.74 26.83 8.19
CA GLU A 19 6.09 27.31 7.91
C GLU A 19 7.09 26.17 7.70
N GLN A 20 6.94 25.09 8.46
CA GLN A 20 7.82 23.93 8.34
C GLN A 20 7.24 22.80 7.47
N GLY A 21 5.92 22.68 7.43
CA GLY A 21 5.25 21.62 6.65
C GLY A 21 5.57 20.24 7.18
N LYS A 22 5.66 20.14 8.49
CA LYS A 22 6.06 18.89 9.14
C LYS A 22 5.04 18.47 10.20
N CYS A 23 4.97 17.16 10.39
CA CYS A 23 4.11 16.56 11.39
C CYS A 23 4.51 17.09 12.76
N PRO A 24 3.53 17.51 13.58
CA PRO A 24 3.89 17.96 14.91
C PRO A 24 4.35 16.76 15.75
N GLU A 25 5.32 16.98 16.63
CA GLU A 25 5.83 15.91 17.49
C GLU A 25 4.67 15.25 18.24
N ASP A 26 3.90 16.05 18.97
CA ASP A 26 2.72 15.57 19.66
C ASP A 26 1.47 15.88 18.84
N GLY A 27 0.50 14.98 18.89
CA GLY A 27 -0.75 15.18 18.18
C GLY A 27 -1.46 16.44 18.62
N TRP A 28 -2.11 17.11 17.66
CA TRP A 28 -2.97 18.25 17.94
C TRP A 28 -4.21 17.75 18.67
N ASP A 29 -4.76 18.58 19.56
CA ASP A 29 -6.11 18.41 20.09
C ASP A 29 -7.10 18.59 18.94
N GLU A 30 -8.24 17.91 18.99
CA GLU A 30 -9.33 18.13 18.02
C GLU A 30 -9.74 19.58 17.87
N SER A 31 -9.73 20.32 18.99
CA SER A 31 -10.07 21.73 18.97
C SER A 31 -9.18 22.50 17.99
N THR A 32 -7.88 22.25 18.06
CA THR A 32 -6.92 22.95 17.19
C THR A 32 -7.15 22.54 15.75
N LEU A 33 -7.31 21.24 15.54
CA LEU A 33 -7.52 20.67 14.22
C LEU A 33 -8.75 21.23 13.51
N GLU A 34 -9.87 21.32 14.22
CA GLU A 34 -11.12 21.75 13.62
C GLU A 34 -11.15 23.25 13.37
N LEU A 35 -10.49 24.00 14.25
CA LEU A 35 -10.20 25.40 14.02
C LEU A 35 -9.46 25.60 12.71
N PHE A 36 -8.36 24.87 12.56
CA PHE A 36 -7.55 24.90 11.36
C PHE A 36 -8.38 24.56 10.11
N LEU A 37 -9.13 23.46 10.16
CA LEU A 37 -9.93 23.02 9.01
C LEU A 37 -10.95 24.06 8.57
N HIS A 38 -11.63 24.64 9.56
CA HIS A 38 -12.65 25.66 9.33
C HIS A 38 -12.06 26.93 8.71
N GLU A 39 -10.87 27.30 9.18
CA GLU A 39 -10.15 28.46 8.65
C GLU A 39 -9.66 28.19 7.24
N LEU A 40 -9.28 26.95 6.95
CA LEU A 40 -8.87 26.58 5.60
C LEU A 40 -10.03 26.63 4.63
N ALA A 41 -11.15 26.02 5.02
CA ALA A 41 -12.33 25.96 4.17
C ALA A 41 -12.87 27.36 3.88
N VAL A 42 -12.66 28.28 4.82
CA VAL A 42 -13.01 29.70 4.66
C VAL A 42 -12.34 30.30 3.42
N MET A 43 -11.16 29.77 3.06
CA MET A 43 -10.36 30.28 1.92
C MET A 43 -10.85 29.80 0.54
N ASP A 44 -11.78 28.85 0.50
CA ASP A 44 -12.39 28.41 -0.76
C ASP A 44 -13.53 29.34 -1.16
N SER A 45 -13.54 29.74 -2.43
CA SER A 45 -14.52 30.70 -2.94
C SER A 45 -15.99 30.31 -2.68
N ASN A 46 -16.31 29.02 -2.77
CA ASN A 46 -17.69 28.55 -2.50
C ASN A 46 -18.18 28.91 -1.10
N ASN A 47 -17.22 29.12 -0.20
CA ASN A 47 -17.52 29.45 1.18
C ASN A 47 -17.44 30.96 1.45
N PHE A 48 -17.05 31.75 0.45
CA PHE A 48 -16.99 33.21 0.66
C PHE A 48 -18.42 33.75 0.85
N LEU A 49 -18.61 34.57 1.89
CA LEU A 49 -19.92 35.12 2.16
C LEU A 49 -20.41 36.07 1.06
N GLY A 50 -19.47 36.79 0.45
CA GLY A 50 -19.82 37.77 -0.58
C GLY A 50 -19.81 37.24 -2.01
N ASN A 51 -19.61 35.92 -2.15
CA ASN A 51 -19.44 35.29 -3.48
C ASN A 51 -20.73 35.22 -4.31
N CYS A 52 -20.59 35.48 -5.61
CA CYS A 52 -21.58 35.03 -6.59
C CYS A 52 -20.91 34.11 -7.62
N GLY A 53 -21.65 33.09 -8.07
CA GLY A 53 -21.12 32.08 -8.95
C GLY A 53 -21.87 32.06 -10.26
N VAL A 54 -21.13 32.21 -11.35
CA VAL A 54 -21.75 32.23 -12.68
C VAL A 54 -21.11 31.21 -13.63
N GLY A 55 -20.54 30.16 -13.07
CA GLY A 55 -19.91 29.12 -13.86
C GLY A 55 -20.55 27.75 -13.68
N GLU A 56 -19.90 26.75 -14.27
CA GLU A 56 -20.43 25.40 -14.31
C GLU A 56 -19.91 24.51 -13.18
N ARG A 57 -18.87 24.95 -12.48
CA ARG A 57 -18.31 24.20 -11.36
C ARG A 57 -18.14 25.11 -10.12
N GLU A 58 -19.25 25.50 -9.50
CA GLU A 58 -19.24 26.47 -8.41
C GLU A 58 -19.09 25.90 -6.99
N GLY A 59 -19.02 24.57 -6.88
CA GLY A 59 -18.91 23.91 -5.58
C GLY A 59 -20.16 24.11 -4.74
N ARG A 60 -21.31 24.22 -5.41
CA ARG A 60 -22.58 24.28 -4.70
C ARG A 60 -22.88 22.90 -4.14
N VAL A 61 -23.55 22.87 -2.99
CA VAL A 61 -23.87 21.60 -2.33
C VAL A 61 -25.32 21.63 -1.89
N ALA A 62 -26.07 20.62 -2.33
CA ALA A 62 -27.49 20.51 -2.02
C ALA A 62 -27.74 20.05 -0.60
N SER A 63 -26.98 19.04 -0.18
CA SER A 63 -27.15 18.40 1.13
C SER A 63 -26.20 18.97 2.15
N ALA A 64 -26.76 19.46 3.25
CA ALA A 64 -26.01 19.85 4.44
C ALA A 64 -25.23 18.69 5.08
N LEU A 65 -25.75 17.46 4.99
CA LEU A 65 -25.01 16.30 5.49
C LEU A 65 -23.70 16.12 4.74
N VAL A 66 -23.75 16.32 3.43
CA VAL A 66 -22.59 16.19 2.57
C VAL A 66 -21.59 17.32 2.84
N ALA A 67 -22.05 18.57 2.81
CA ALA A 67 -21.18 19.73 3.05
C ALA A 67 -20.42 19.62 4.38
N ARG A 68 -21.15 19.36 5.46
N ARG A 68 -21.16 19.39 5.47
CA ARG A 68 -20.58 19.29 6.81
CA ARG A 68 -20.61 19.29 6.82
C ARG A 68 -19.59 18.15 7.02
C ARG A 68 -19.57 18.16 6.99
N ARG A 69 -19.90 16.97 6.47
CA ARG A 69 -19.04 15.78 6.67
C ARG A 69 -17.67 15.92 5.98
N HIS A 70 -17.60 16.83 5.01
CA HIS A 70 -16.36 17.16 4.31
C HIS A 70 -15.75 18.47 4.77
N TYR A 71 -16.24 19.01 5.89
CA TYR A 71 -15.73 20.30 6.44
C TYR A 71 -15.83 21.45 5.44
N ARG A 72 -16.81 21.35 4.52
CA ARG A 72 -17.08 22.36 3.49
C ARG A 72 -15.95 22.49 2.44
N PHE A 73 -15.13 21.45 2.32
CA PHE A 73 -14.21 21.33 1.19
C PHE A 73 -14.94 20.64 0.06
N ILE A 74 -15.21 21.40 -1.00
CA ILE A 74 -16.08 20.94 -2.08
C ILE A 74 -15.34 20.86 -3.41
N HIS A 75 -14.47 21.83 -3.67
CA HIS A 75 -13.82 22.01 -4.98
C HIS A 75 -12.80 20.96 -5.38
N GLY A 76 -12.38 20.12 -4.45
CA GLY A 76 -11.34 19.15 -4.73
C GLY A 76 -9.98 19.79 -4.91
N ILE A 77 -9.00 18.98 -5.31
CA ILE A 77 -7.63 19.44 -5.42
C ILE A 77 -7.34 19.71 -6.89
N GLY A 78 -6.46 20.67 -7.14
N GLY A 78 -6.41 20.61 -7.15
CA GLY A 78 -6.22 21.21 -8.49
CA GLY A 78 -5.95 20.88 -8.52
C GLY A 78 -5.57 20.25 -9.46
C GLY A 78 -5.06 19.76 -9.02
N GLN A 87 -8.53 31.00 -9.97
CA GLN A 87 -7.44 31.96 -10.17
C GLN A 87 -6.57 32.23 -8.94
N PRO A 88 -6.62 31.36 -7.90
CA PRO A 88 -7.28 30.05 -7.74
C PRO A 88 -8.75 30.12 -7.30
N LYS A 89 -9.53 29.12 -7.70
CA LYS A 89 -10.92 29.02 -7.23
C LYS A 89 -10.98 28.41 -5.81
N ALA A 90 -9.98 27.60 -5.46
CA ALA A 90 -9.98 26.88 -4.20
C ALA A 90 -8.66 27.01 -3.44
N ALA A 91 -8.40 28.20 -2.90
CA ALA A 91 -7.14 28.48 -2.18
C ALA A 91 -6.89 27.62 -0.92
N GLY A 92 -7.96 27.23 -0.23
CA GLY A 92 -7.84 26.41 0.98
C GLY A 92 -7.62 24.95 0.66
N SER A 93 -8.34 24.45 -0.35
CA SER A 93 -8.16 23.08 -0.82
C SER A 93 -6.77 22.90 -1.40
N SER A 94 -6.25 23.96 -2.02
CA SER A 94 -4.92 23.97 -2.60
C SER A 94 -3.87 23.89 -1.48
N LEU A 95 -4.09 24.68 -0.42
CA LEU A 95 -3.19 24.70 0.74
C LEU A 95 -3.27 23.37 1.51
N LEU A 96 -4.48 22.84 1.66
CA LEU A 96 -4.70 21.49 2.19
C LEU A 96 -3.83 20.46 1.45
N ASN A 97 -3.84 20.51 0.13
CA ASN A 97 -3.10 19.59 -0.72
C ASN A 97 -1.59 19.70 -0.51
N LYS A 98 -1.10 20.95 -0.53
CA LYS A 98 0.29 21.30 -0.25
C LYS A 98 0.77 20.77 1.10
N ILE A 99 0.02 21.08 2.17
N ILE A 99 0.02 21.06 2.16
CA ILE A 99 0.34 20.65 3.54
CA ILE A 99 0.39 20.65 3.52
C ILE A 99 0.39 19.14 3.64
C ILE A 99 0.36 19.14 3.70
N THR A 100 -0.66 18.48 3.14
CA THR A 100 -0.78 17.03 3.21
C THR A 100 0.38 16.32 2.50
N ASN A 101 0.77 16.79 1.31
CA ASN A 101 1.88 16.18 0.60
C ASN A 101 3.19 16.40 1.35
N SER A 102 3.31 17.55 2.02
CA SER A 102 4.50 17.88 2.82
C SER A 102 4.59 17.01 4.07
N LEU A 103 3.46 16.82 4.75
CA LEU A 103 3.35 15.90 5.88
C LEU A 103 3.70 14.46 5.49
N VAL A 104 3.21 14.04 4.33
CA VAL A 104 3.42 12.68 3.82
C VAL A 104 4.90 12.41 3.46
N LEU A 105 5.55 13.38 2.81
CA LEU A 105 6.99 13.31 2.53
C LEU A 105 7.81 13.06 3.78
N ASN A 106 7.50 13.80 4.83
CA ASN A 106 8.14 13.71 6.14
C ASN A 106 7.87 12.37 6.82
N VAL A 107 6.67 11.82 6.64
CA VAL A 107 6.37 10.49 7.17
C VAL A 107 7.11 9.41 6.37
N ILE A 108 7.27 9.63 5.06
CA ILE A 108 8.06 8.70 4.26
C ILE A 108 9.50 8.64 4.78
N LYS A 109 10.07 9.81 5.05
CA LYS A 109 11.39 9.90 5.69
C LYS A 109 11.41 9.23 7.05
N LEU A 110 10.47 9.60 7.92
CA LEU A 110 10.29 8.94 9.24
C LEU A 110 10.26 7.42 9.13
N ALA A 111 9.57 6.92 8.11
CA ALA A 111 9.29 5.50 7.97
C ALA A 111 10.47 4.71 7.41
N GLY A 112 11.46 5.41 6.87
CA GLY A 112 12.67 4.73 6.41
C GLY A 112 13.29 5.15 5.08
N VAL A 113 12.59 5.96 4.28
CA VAL A 113 13.18 6.48 3.03
C VAL A 113 13.59 7.95 3.18
N HIS A 114 14.75 8.16 3.79
N HIS A 114 14.73 8.17 3.80
CA HIS A 114 15.22 9.48 4.16
CA HIS A 114 15.19 9.52 4.14
C HIS A 114 15.65 10.35 2.97
C HIS A 114 15.59 10.38 2.93
N SER A 115 15.95 9.72 1.83
CA SER A 115 16.40 10.43 0.63
C SER A 115 15.28 10.73 -0.39
N VAL A 116 14.03 10.45 -0.02
CA VAL A 116 12.86 10.72 -0.88
C VAL A 116 12.87 12.19 -1.28
N ALA A 117 12.66 12.47 -2.56
CA ALA A 117 12.78 13.86 -3.07
C ALA A 117 11.45 14.56 -3.22
N SER A 118 10.44 13.76 -3.59
CA SER A 118 9.16 14.28 -3.99
C SER A 118 8.10 13.19 -3.82
N CYS A 119 6.87 13.59 -3.55
CA CYS A 119 5.74 12.66 -3.47
C CYS A 119 4.43 13.44 -3.62
N PHE A 120 3.35 12.73 -3.94
CA PHE A 120 2.02 13.35 -3.92
C PHE A 120 0.92 12.34 -3.66
N VAL A 121 -0.09 12.77 -2.91
CA VAL A 121 -1.29 11.99 -2.74
C VAL A 121 -2.10 12.05 -4.02
N VAL A 122 -2.54 10.88 -4.47
CA VAL A 122 -3.45 10.79 -5.57
C VAL A 122 -4.66 10.02 -5.03
N PRO A 123 -5.88 10.57 -5.24
CA PRO A 123 -7.10 9.92 -4.77
C PRO A 123 -7.58 8.79 -5.67
N MET A 124 -6.67 7.87 -5.96
CA MET A 124 -7.01 6.59 -6.56
C MET A 124 -6.32 5.57 -5.68
N ALA A 125 -6.82 4.33 -5.65
CA ALA A 125 -6.11 3.35 -4.85
C ALA A 125 -4.86 2.88 -5.60
N THR A 126 -4.12 1.95 -5.00
CA THR A 126 -2.75 1.68 -5.41
C THR A 126 -2.65 1.16 -6.84
N GLY A 127 -3.60 0.32 -7.24
CA GLY A 127 -3.63 -0.25 -8.58
C GLY A 127 -3.64 0.84 -9.66
N MET A 128 -4.63 1.69 -9.62
CA MET A 128 -4.75 2.82 -10.55
C MET A 128 -3.60 3.83 -10.47
N SER A 129 -3.04 4.00 -9.28
CA SER A 129 -1.86 4.83 -9.09
C SER A 129 -0.62 4.24 -9.79
N LEU A 130 -0.53 2.91 -9.81
CA LEU A 130 0.54 2.24 -10.55
C LEU A 130 0.28 2.40 -12.05
N THR A 131 -0.98 2.28 -12.45
CA THR A 131 -1.39 2.51 -13.85
C THR A 131 -0.96 3.90 -14.31
N LEU A 132 -1.21 4.92 -13.50
CA LEU A 132 -0.77 6.28 -13.77
C LEU A 132 0.75 6.39 -14.00
N CYS A 133 1.54 5.71 -13.17
CA CYS A 133 2.99 5.62 -13.38
C CYS A 133 3.32 5.03 -14.75
N PHE A 134 2.64 3.93 -15.11
CA PHE A 134 2.85 3.25 -16.39
C PHE A 134 2.38 4.12 -17.55
N LEU A 135 1.31 4.87 -17.35
CA LEU A 135 0.78 5.76 -18.38
C LEU A 135 1.74 6.91 -18.68
N THR A 136 2.41 7.38 -17.62
CA THR A 136 3.39 8.44 -17.74
C THR A 136 4.61 7.95 -18.50
N LEU A 137 5.11 6.77 -18.11
CA LEU A 137 6.28 6.15 -18.72
C LEU A 137 6.08 5.81 -20.19
N ARG A 138 4.84 5.69 -20.64
CA ARG A 138 4.58 5.44 -22.07
C ARG A 138 5.20 6.56 -22.92
N HIS A 139 4.97 7.80 -22.52
CA HIS A 139 5.47 8.96 -23.23
C HIS A 139 7.00 9.11 -23.13
N LYS A 140 7.61 8.55 -22.08
CA LYS A 140 9.08 8.49 -21.99
C LYS A 140 9.66 7.40 -22.87
N ARG A 141 8.94 6.29 -23.00
CA ARG A 141 9.42 5.13 -23.73
C ARG A 141 8.46 4.62 -24.80
N PRO A 142 8.31 5.38 -25.91
CA PRO A 142 7.33 5.04 -26.97
C PRO A 142 7.52 3.66 -27.59
N LYS A 143 8.72 3.10 -27.53
CA LYS A 143 9.00 1.78 -28.11
C LYS A 143 8.62 0.64 -27.16
N ALA A 144 8.40 0.95 -25.90
CA ALA A 144 8.15 -0.06 -24.88
C ALA A 144 6.77 -0.69 -25.01
N LYS A 145 6.71 -2.01 -24.88
CA LYS A 145 5.43 -2.69 -24.79
C LYS A 145 5.28 -3.65 -23.60
N TYR A 146 6.39 -3.95 -22.92
CA TYR A 146 6.40 -4.97 -21.89
C TYR A 146 6.66 -4.42 -20.50
N ILE A 147 6.03 -5.02 -19.50
CA ILE A 147 6.39 -4.76 -18.12
C ILE A 147 6.82 -6.08 -17.51
N ILE A 148 8.06 -6.12 -17.04
CA ILE A 148 8.59 -7.30 -16.37
C ILE A 148 8.15 -7.28 -14.90
N TRP A 149 7.55 -8.38 -14.45
CA TRP A 149 6.85 -8.42 -13.17
C TRP A 149 7.10 -9.73 -12.42
N PRO A 150 7.94 -9.70 -11.37
CA PRO A 150 8.01 -10.88 -10.51
C PRO A 150 6.65 -11.19 -9.88
N ARG A 151 6.20 -12.43 -10.08
CA ARG A 151 4.85 -12.86 -9.71
C ARG A 151 4.42 -12.62 -8.24
N ILE A 152 3.28 -11.96 -8.09
CA ILE A 152 2.56 -11.97 -6.83
C ILE A 152 1.06 -12.10 -7.12
N ASP A 153 0.42 -13.09 -6.50
CA ASP A 153 -0.99 -13.35 -6.76
C ASP A 153 -1.93 -12.37 -6.05
N GLN A 154 -1.95 -11.17 -6.61
CA GLN A 154 -2.80 -10.08 -6.18
C GLN A 154 -3.32 -9.44 -7.47
N LYS A 155 -4.65 -9.41 -7.63
CA LYS A 155 -5.28 -9.06 -8.92
C LYS A 155 -5.07 -7.63 -9.36
N SER A 156 -5.13 -6.70 -8.42
CA SER A 156 -5.09 -5.27 -8.73
C SER A 156 -3.75 -4.81 -9.31
N CYS A 157 -2.64 -5.21 -8.68
CA CYS A 157 -1.32 -4.84 -9.17
C CYS A 157 -1.03 -5.47 -10.53
N PHE A 158 -1.52 -6.69 -10.74
CA PHE A 158 -1.38 -7.34 -12.05
C PHE A 158 -2.21 -6.65 -13.14
N LYS A 159 -3.47 -6.35 -12.80
N LYS A 159 -3.47 -6.36 -12.82
CA LYS A 159 -4.38 -5.65 -13.72
CA LYS A 159 -4.35 -5.67 -13.77
C LYS A 159 -3.93 -4.24 -14.07
C LYS A 159 -3.83 -4.28 -14.12
N SER A 160 -3.23 -3.59 -13.14
CA SER A 160 -2.74 -2.21 -13.37
C SER A 160 -1.92 -2.08 -14.65
N MET A 161 -1.22 -3.14 -15.01
CA MET A 161 -0.33 -3.21 -16.18
C MET A 161 -1.14 -3.31 -17.46
N VAL A 162 -2.16 -4.16 -17.44
CA VAL A 162 -3.11 -4.36 -18.54
C VAL A 162 -3.93 -3.09 -18.80
N THR A 163 -4.45 -2.50 -17.73
CA THR A 163 -5.20 -1.26 -17.77
C THR A 163 -4.40 -0.14 -18.44
N ALA A 164 -3.10 -0.10 -18.18
CA ALA A 164 -2.16 0.88 -18.75
C ALA A 164 -1.88 0.60 -20.22
N GLY A 165 -2.27 -0.60 -20.66
CA GLY A 165 -2.15 -1.01 -22.05
C GLY A 165 -0.83 -1.64 -22.39
N PHE A 166 -0.17 -2.23 -21.39
CA PHE A 166 1.08 -2.95 -21.61
C PHE A 166 0.88 -4.44 -21.40
N GLU A 167 1.78 -5.26 -21.90
CA GLU A 167 1.65 -6.66 -21.55
C GLU A 167 2.63 -7.07 -20.48
N PRO A 168 2.10 -7.66 -19.40
CA PRO A 168 2.90 -8.17 -18.28
C PRO A 168 3.76 -9.33 -18.73
N VAL A 169 5.00 -9.34 -18.26
CA VAL A 169 5.89 -10.49 -18.44
C VAL A 169 6.11 -11.05 -17.04
N VAL A 170 5.44 -12.18 -16.78
CA VAL A 170 5.36 -12.77 -15.46
C VAL A 170 6.60 -13.61 -15.20
N ILE A 171 7.37 -13.20 -14.20
CA ILE A 171 8.56 -13.92 -13.80
C ILE A 171 8.23 -14.77 -12.57
N GLU A 172 8.35 -16.09 -12.73
CA GLU A 172 8.08 -17.02 -11.66
C GLU A 172 9.12 -16.86 -10.56
N ASN A 173 8.70 -17.13 -9.33
CA ASN A 173 9.56 -16.96 -8.16
C ASN A 173 10.41 -18.21 -7.92
N VAL A 174 11.53 -18.04 -7.22
CA VAL A 174 12.39 -19.18 -6.86
C VAL A 174 12.06 -19.62 -5.44
N LEU A 175 11.92 -20.93 -5.25
CA LEU A 175 11.69 -21.49 -3.94
C LEU A 175 13.04 -21.64 -3.23
N GLU A 176 13.22 -20.88 -2.15
CA GLU A 176 14.40 -20.99 -1.28
C GLU A 176 13.92 -21.34 0.13
N GLY A 177 14.07 -22.61 0.49
CA GLY A 177 13.52 -23.12 1.73
C GLY A 177 12.01 -23.12 1.64
N ASP A 178 11.37 -22.19 2.34
CA ASP A 178 9.92 -22.07 2.43
C ASP A 178 9.50 -20.81 1.69
N GLU A 179 10.46 -19.93 1.47
CA GLU A 179 10.17 -18.62 0.88
C GLU A 179 10.13 -18.68 -0.63
N LEU A 180 9.30 -17.82 -1.21
CA LEU A 180 9.30 -17.55 -2.66
C LEU A 180 9.98 -16.20 -2.89
N ARG A 181 11.02 -16.19 -3.72
CA ARG A 181 11.88 -15.01 -3.87
C ARG A 181 12.09 -14.65 -5.35
N THR A 182 12.62 -13.45 -5.59
CA THR A 182 12.81 -12.94 -6.94
C THR A 182 13.76 -13.82 -7.74
N ASP A 183 13.32 -14.27 -8.92
CA ASP A 183 14.25 -14.92 -9.83
C ASP A 183 15.00 -13.87 -10.64
N LEU A 184 16.15 -13.44 -10.13
CA LEU A 184 16.96 -12.40 -10.76
C LEU A 184 17.54 -12.83 -12.10
N LYS A 185 17.90 -14.12 -12.24
CA LYS A 185 18.38 -14.63 -13.53
C LYS A 185 17.30 -14.53 -14.61
N ALA A 186 16.08 -14.99 -14.29
CA ALA A 186 14.95 -14.90 -15.23
C ALA A 186 14.55 -13.48 -15.64
N VAL A 187 14.64 -12.53 -14.71
CA VAL A 187 14.41 -11.11 -15.00
C VAL A 187 15.42 -10.62 -16.04
N GLU A 188 16.71 -10.84 -15.78
CA GLU A 188 17.74 -10.42 -16.72
C GLU A 188 17.65 -11.16 -18.06
N ALA A 189 17.34 -12.46 -18.01
CA ALA A 189 17.12 -13.25 -19.23
C ALA A 189 15.99 -12.69 -20.12
N LYS A 190 14.91 -12.20 -19.51
CA LYS A 190 13.80 -11.62 -20.29
C LYS A 190 14.10 -10.24 -20.85
N ILE A 191 14.86 -9.44 -20.12
CA ILE A 191 15.37 -8.16 -20.63
C ILE A 191 16.19 -8.39 -21.90
N GLN A 192 17.13 -9.31 -21.83
CA GLN A 192 17.97 -9.63 -22.99
C GLN A 192 17.17 -10.22 -24.17
N GLU A 193 16.25 -11.14 -23.86
CA GLU A 193 15.37 -11.74 -24.87
C GLU A 193 14.50 -10.70 -25.61
N LEU A 194 13.84 -9.84 -24.85
CA LEU A 194 12.86 -8.90 -25.40
C LEU A 194 13.51 -7.59 -25.88
N GLY A 195 14.64 -7.23 -25.28
CA GLY A 195 15.35 -6.01 -25.61
C GLY A 195 15.00 -4.89 -24.64
N PRO A 196 16.01 -4.24 -24.04
CA PRO A 196 15.78 -3.17 -23.05
C PRO A 196 14.79 -2.09 -23.50
N GLU A 197 14.88 -1.64 -24.75
CA GLU A 197 14.01 -0.57 -25.23
C GLU A 197 12.54 -0.96 -25.30
N HIS A 198 12.28 -2.26 -25.41
CA HIS A 198 10.92 -2.76 -25.47
C HIS A 198 10.28 -3.01 -24.10
N ILE A 199 11.08 -2.83 -23.05
CA ILE A 199 10.62 -2.91 -21.68
C ILE A 199 10.27 -1.52 -21.17
N LEU A 200 9.02 -1.35 -20.74
CA LEU A 200 8.54 -0.10 -20.17
C LEU A 200 9.13 0.14 -18.77
N CYS A 201 9.14 -0.91 -17.98
CA CYS A 201 9.68 -0.85 -16.63
C CYS A 201 9.74 -2.23 -16.02
N LEU A 202 10.50 -2.31 -14.94
CA LEU A 202 10.40 -3.40 -14.00
C LEU A 202 9.40 -3.01 -12.89
N HIS A 203 8.47 -3.90 -12.61
CA HIS A 203 7.41 -3.67 -11.63
C HIS A 203 7.62 -4.67 -10.48
N SER A 204 8.32 -4.22 -9.45
CA SER A 204 8.61 -5.04 -8.27
C SER A 204 7.61 -4.77 -7.14
N THR A 205 7.66 -5.59 -6.09
CA THR A 205 6.69 -5.53 -5.00
C THR A 205 7.39 -5.79 -3.66
N THR A 206 7.08 -4.96 -2.65
CA THR A 206 7.66 -5.16 -1.33
C THR A 206 6.73 -6.01 -0.48
N ALA A 207 5.95 -5.40 0.40
CA ALA A 207 5.03 -6.13 1.27
C ALA A 207 4.06 -6.99 0.47
N CYS A 208 3.94 -8.25 0.89
CA CYS A 208 3.20 -9.28 0.17
C CYS A 208 2.80 -10.43 1.10
N PHE A 209 1.95 -11.34 0.60
CA PHE A 209 1.54 -12.51 1.38
C PHE A 209 2.65 -13.52 1.51
N ALA A 210 2.96 -13.90 2.73
CA ALA A 210 3.85 -15.03 2.98
C ALA A 210 3.20 -16.26 2.34
N PRO A 211 4.03 -17.22 1.87
CA PRO A 211 5.50 -17.31 2.01
C PRO A 211 6.33 -16.58 0.94
N ARG A 212 5.68 -15.81 0.08
CA ARG A 212 6.42 -14.87 -0.76
C ARG A 212 7.06 -13.84 0.18
N VAL A 213 8.16 -13.24 -0.27
CA VAL A 213 8.83 -12.17 0.48
C VAL A 213 9.04 -10.93 -0.41
N PRO A 214 9.28 -9.75 0.19
CA PRO A 214 9.62 -8.56 -0.60
C PRO A 214 10.67 -8.82 -1.67
N ASP A 215 10.47 -8.25 -2.86
CA ASP A 215 11.40 -8.46 -3.97
C ASP A 215 12.82 -8.00 -3.61
N ARG A 216 13.79 -8.55 -4.32
CA ARG A 216 15.20 -8.22 -4.08
C ARG A 216 15.53 -6.87 -4.72
N LEU A 217 15.10 -5.78 -4.08
CA LEU A 217 15.13 -4.44 -4.70
C LEU A 217 16.52 -3.90 -4.99
N GLU A 218 17.50 -4.20 -4.14
CA GLU A 218 18.88 -3.75 -4.38
C GLU A 218 19.41 -4.34 -5.70
N GLU A 219 19.22 -5.65 -5.86
CA GLU A 219 19.69 -6.35 -7.05
C GLU A 219 18.94 -5.93 -8.32
N LEU A 220 17.61 -5.85 -8.22
CA LEU A 220 16.77 -5.37 -9.32
C LEU A 220 17.11 -3.91 -9.69
N ALA A 221 17.40 -3.11 -8.66
CA ALA A 221 17.83 -1.73 -8.87
C ALA A 221 19.15 -1.65 -9.64
N VAL A 222 20.08 -2.57 -9.35
CA VAL A 222 21.33 -2.65 -10.08
C VAL A 222 21.06 -3.04 -11.55
N ILE A 223 20.32 -4.11 -11.77
CA ILE A 223 19.89 -4.53 -13.11
C ILE A 223 19.26 -3.36 -13.90
N CYS A 224 18.30 -2.66 -13.29
CA CYS A 224 17.62 -1.53 -13.94
C CYS A 224 18.55 -0.37 -14.27
N ALA A 225 19.47 -0.05 -13.36
CA ALA A 225 20.49 0.97 -13.62
C ALA A 225 21.39 0.62 -14.82
N ASN A 226 21.76 -0.67 -14.91
CA ASN A 226 22.69 -1.13 -15.96
C ASN A 226 22.06 -1.23 -17.34
N TYR A 227 20.83 -1.78 -17.42
CA TYR A 227 20.08 -1.86 -18.69
C TYR A 227 19.30 -0.61 -19.04
N ASP A 228 19.34 0.38 -18.16
CA ASP A 228 18.69 1.67 -18.35
C ASP A 228 17.16 1.57 -18.52
N ILE A 229 16.52 0.91 -17.55
CA ILE A 229 15.10 0.62 -17.60
C ILE A 229 14.48 1.16 -16.31
N PRO A 230 13.32 1.84 -16.41
CA PRO A 230 12.63 2.30 -15.22
C PRO A 230 12.26 1.17 -14.26
N HIS A 231 12.18 1.53 -12.99
CA HIS A 231 11.88 0.58 -11.93
C HIS A 231 10.77 1.20 -11.12
N VAL A 232 9.61 0.54 -11.11
CA VAL A 232 8.45 0.99 -10.35
C VAL A 232 8.16 -0.03 -9.25
N VAL A 233 8.20 0.44 -8.00
CA VAL A 233 7.98 -0.41 -6.85
C VAL A 233 6.54 -0.31 -6.33
N ASN A 234 5.82 -1.43 -6.38
CA ASN A 234 4.57 -1.60 -5.63
C ASN A 234 4.89 -1.75 -4.13
N ASN A 235 4.85 -0.62 -3.41
CA ASN A 235 5.06 -0.60 -1.96
C ASN A 235 3.72 -0.50 -1.22
N ALA A 236 2.68 -1.08 -1.83
CA ALA A 236 1.29 -0.97 -1.35
C ALA A 236 1.17 -0.89 0.17
N TYR A 237 1.62 -1.95 0.87
CA TYR A 237 1.57 -1.94 2.33
C TYR A 237 2.91 -2.10 3.04
N GLY A 238 3.96 -1.57 2.41
CA GLY A 238 5.31 -1.65 2.94
C GLY A 238 5.80 -0.42 3.67
N LEU A 239 5.07 0.70 3.59
CA LEU A 239 5.46 1.91 4.34
C LEU A 239 5.49 1.68 5.86
N GLN A 240 4.58 0.85 6.35
CA GLN A 240 4.49 0.51 7.78
C GLN A 240 5.65 -0.33 8.29
N SER A 241 6.57 -0.69 7.40
CA SER A 241 7.65 -1.60 7.74
C SER A 241 8.99 -0.92 7.43
N SER A 242 9.77 -0.63 8.47
CA SER A 242 11.07 0.00 8.29
C SER A 242 12.04 -0.89 7.49
N LYS A 243 11.84 -2.20 7.53
CA LYS A 243 12.59 -3.16 6.72
C LYS A 243 12.27 -3.06 5.23
N CYS A 244 10.98 -3.01 4.88
CA CYS A 244 10.56 -2.77 3.51
C CYS A 244 11.09 -1.43 3.02
N MET A 245 11.02 -0.40 3.87
CA MET A 245 11.49 0.94 3.51
C MET A 245 13.03 1.05 3.40
N HIS A 246 13.76 0.31 4.24
CA HIS A 246 15.21 0.24 4.08
C HIS A 246 15.61 -0.36 2.72
N LEU A 247 14.82 -1.32 2.26
CA LEU A 247 15.03 -1.97 0.97
C LEU A 247 14.87 -0.98 -0.20
N ILE A 248 13.86 -0.11 -0.10
CA ILE A 248 13.70 1.00 -1.04
C ILE A 248 14.85 2.01 -0.93
N GLN A 249 15.19 2.40 0.30
CA GLN A 249 16.27 3.36 0.51
C GLN A 249 17.62 2.82 0.01
N GLN A 250 17.97 1.60 0.39
CA GLN A 250 19.20 0.93 -0.09
C GLN A 250 19.21 0.78 -1.61
N GLY A 251 18.10 0.31 -2.18
CA GLY A 251 17.96 0.14 -3.63
C GLY A 251 18.19 1.41 -4.42
N ALA A 252 17.66 2.53 -3.91
CA ALA A 252 17.86 3.84 -4.52
C ALA A 252 19.32 4.28 -4.45
N ARG A 253 19.98 3.91 -3.37
CA ARG A 253 21.38 4.29 -3.16
C ARG A 253 22.35 3.47 -4.05
N VAL A 254 22.08 2.18 -4.22
CA VAL A 254 22.99 1.28 -4.96
C VAL A 254 22.60 1.11 -6.44
N GLY A 255 21.43 1.61 -6.81
CA GLY A 255 20.95 1.49 -8.19
C GLY A 255 19.78 2.41 -8.50
N ARG A 256 18.82 1.88 -9.25
CA ARG A 256 17.75 2.69 -9.83
C ARG A 256 16.37 2.28 -9.35
N ILE A 257 15.67 3.25 -8.74
CA ILE A 257 14.25 3.15 -8.47
C ILE A 257 13.67 4.48 -8.92
N ASP A 258 12.66 4.42 -9.79
CA ASP A 258 12.06 5.62 -10.38
C ASP A 258 10.81 6.12 -9.64
N ALA A 259 10.02 5.18 -9.14
CA ALA A 259 8.85 5.51 -8.36
C ALA A 259 8.53 4.37 -7.41
N PHE A 260 8.01 4.73 -6.24
CA PHE A 260 7.43 3.77 -5.32
C PHE A 260 6.07 4.29 -4.87
N VAL A 261 5.11 3.37 -4.81
CA VAL A 261 3.69 3.67 -4.60
C VAL A 261 3.21 2.90 -3.38
N GLN A 262 2.46 3.57 -2.52
CA GLN A 262 1.91 2.96 -1.30
C GLN A 262 0.46 3.37 -1.07
N SER A 263 -0.31 2.43 -0.54
CA SER A 263 -1.69 2.64 -0.16
C SER A 263 -1.85 3.56 1.06
N LEU A 264 -2.78 4.52 1.00
CA LEU A 264 -3.14 5.31 2.18
C LEU A 264 -3.85 4.50 3.27
N ASP A 265 -4.84 3.68 2.89
CA ASP A 265 -5.61 2.92 3.86
C ASP A 265 -4.77 1.89 4.64
N1 LLP A 266 -0.76 -5.12 -4.65
C2 LLP A 266 -0.65 -5.47 -3.31
C2' LLP A 266 0.42 -6.44 -2.93
C3 LLP A 266 -1.55 -4.92 -2.39
O3 LLP A 266 -1.47 -5.22 -1.21
C4 LLP A 266 -2.54 -4.02 -2.81
C4' LLP A 266 -3.51 -3.42 -1.83
C5 LLP A 266 -2.60 -3.70 -4.16
C6 LLP A 266 -1.72 -4.24 -5.07
C5' LLP A 266 -3.62 -2.74 -4.71
OP4 LLP A 266 -4.95 -2.76 -4.15
P LLP A 266 -5.93 -1.55 -4.48
OP1 LLP A 266 -5.63 -1.26 -5.89
OP2 LLP A 266 -5.54 -0.48 -3.54
OP3 LLP A 266 -7.24 -2.18 -4.20
N LLP A 266 -3.89 1.18 3.94
CA LLP A 266 -3.12 0.09 4.55
CB LLP A 266 -2.58 -0.87 3.48
CG LLP A 266 -3.65 -1.49 2.58
CD LLP A 266 -2.98 -2.42 1.57
CE LLP A 266 -3.86 -2.73 0.39
NZ LLP A 266 -3.15 -3.64 -0.56
C LLP A 266 -1.97 0.56 5.46
O LLP A 266 -1.55 -0.19 6.35
N ASN A 267 -1.49 1.78 5.24
CA ASN A 267 -0.40 2.31 6.06
C ASN A 267 -0.82 3.41 7.03
N PHE A 268 -1.98 4.01 6.82
CA PHE A 268 -2.42 5.12 7.65
C PHE A 268 -3.76 4.95 8.35
N MET A 269 -4.41 3.81 8.15
CA MET A 269 -5.68 3.50 8.84
C MET A 269 -6.79 4.56 8.55
N VAL A 270 -7.06 4.74 7.27
CA VAL A 270 -8.10 5.64 6.76
C VAL A 270 -8.88 4.83 5.72
N PRO A 271 -10.07 5.32 5.28
CA PRO A 271 -10.81 4.63 4.21
C PRO A 271 -9.99 4.33 2.98
N VAL A 272 -10.32 3.24 2.30
CA VAL A 272 -9.82 2.97 0.97
C VAL A 272 -10.14 4.14 0.04
N GLY A 273 -9.20 4.45 -0.85
CA GLY A 273 -9.46 5.51 -1.82
C GLY A 273 -8.27 6.21 -2.42
N GLY A 274 -7.17 6.27 -1.67
CA GLY A 274 -6.01 7.04 -2.08
C GLY A 274 -4.70 6.28 -1.95
N ALA A 275 -3.66 6.87 -2.53
CA ALA A 275 -2.33 6.30 -2.53
C ALA A 275 -1.31 7.44 -2.57
N ILE A 276 -0.04 7.12 -2.30
CA ILE A 276 1.05 8.08 -2.49
C ILE A 276 2.01 7.57 -3.58
N ILE A 277 2.38 8.48 -4.48
CA ILE A 277 3.41 8.22 -5.46
C ILE A 277 4.60 9.07 -5.04
N ALA A 278 5.75 8.41 -4.85
CA ALA A 278 6.98 9.07 -4.41
C ALA A 278 8.16 8.64 -5.27
N GLY A 279 9.22 9.44 -5.23
CA GLY A 279 10.46 9.13 -5.94
C GLY A 279 11.62 10.01 -5.55
N PHE A 280 12.72 9.86 -6.28
CA PHE A 280 14.00 10.47 -5.95
C PHE A 280 14.34 11.52 -6.99
N ASN A 281 13.61 11.48 -8.10
CA ASN A 281 13.77 12.49 -9.12
C ASN A 281 12.53 13.40 -9.19
N GLU A 282 12.71 14.64 -8.75
CA GLU A 282 11.59 15.55 -8.63
C GLU A 282 10.88 15.86 -9.97
N PRO A 283 11.63 16.23 -11.04
CA PRO A 283 11.01 16.44 -12.35
C PRO A 283 10.15 15.25 -12.83
N PHE A 284 10.64 14.03 -12.64
CA PHE A 284 9.89 12.84 -13.03
C PHE A 284 8.59 12.66 -12.26
N ILE A 285 8.65 12.81 -10.94
CA ILE A 285 7.45 12.68 -10.12
C ILE A 285 6.43 13.77 -10.48
N GLN A 286 6.90 14.97 -10.77
CA GLN A 286 6.06 16.07 -11.27
C GLN A 286 5.41 15.67 -12.59
N ASP A 287 6.15 14.99 -13.46
CA ASP A 287 5.60 14.53 -14.74
C ASP A 287 4.43 13.57 -14.57
N ILE A 288 4.51 12.67 -13.60
CA ILE A 288 3.40 11.76 -13.25
C ILE A 288 2.19 12.54 -12.74
N SER A 289 2.42 13.47 -11.82
CA SER A 289 1.36 14.37 -11.34
C SER A 289 0.69 15.13 -12.50
N LYS A 290 1.51 15.65 -13.42
CA LYS A 290 1.00 16.41 -14.56
C LYS A 290 0.25 15.54 -15.60
N MET A 291 0.50 14.23 -15.59
CA MET A 291 -0.11 13.29 -16.52
C MET A 291 -1.56 13.01 -16.10
N TYR A 292 -1.88 13.33 -14.85
CA TYR A 292 -3.22 13.22 -14.34
C TYR A 292 -4.09 14.38 -14.84
N PRO A 293 -5.19 14.06 -15.56
CA PRO A 293 -6.10 15.08 -16.07
C PRO A 293 -7.24 15.49 -15.11
N GLY A 294 -7.38 16.79 -14.88
CA GLY A 294 -8.52 17.33 -14.15
C GLY A 294 -8.39 17.39 -12.65
N ARG A 295 -9.46 17.82 -11.99
CA ARG A 295 -9.44 17.93 -10.55
C ARG A 295 -9.68 16.55 -9.97
N ALA A 296 -9.38 16.39 -8.70
CA ALA A 296 -9.52 15.11 -8.07
C ALA A 296 -10.11 15.34 -6.68
N SER A 297 -10.68 14.29 -6.11
CA SER A 297 -11.20 14.31 -4.75
C SER A 297 -10.14 14.72 -3.71
N ALA A 298 -10.54 15.59 -2.78
CA ALA A 298 -9.69 16.04 -1.68
C ALA A 298 -9.88 15.15 -0.43
N SER A 299 -10.82 14.21 -0.51
CA SER A 299 -11.24 13.42 0.64
C SER A 299 -10.12 12.49 1.23
N PRO A 300 -9.43 11.71 0.38
CA PRO A 300 -8.25 10.97 0.88
C PRO A 300 -7.18 11.87 1.54
N SER A 301 -6.89 13.01 0.93
CA SER A 301 -5.94 13.96 1.48
C SER A 301 -6.40 14.48 2.84
N LEU A 302 -7.68 14.83 2.94
CA LEU A 302 -8.24 15.31 4.19
C LEU A 302 -8.14 14.25 5.28
N ASP A 303 -8.50 13.00 4.96
CA ASP A 303 -8.42 11.89 5.91
C ASP A 303 -7.01 11.71 6.44
N VAL A 304 -6.01 11.75 5.55
CA VAL A 304 -4.62 11.55 5.98
C VAL A 304 -4.09 12.76 6.78
N LEU A 305 -4.52 13.97 6.40
CA LEU A 305 -4.20 15.20 7.14
C LEU A 305 -4.76 15.19 8.57
N ILE A 306 -6.05 14.86 8.70
CA ILE A 306 -6.66 14.69 10.01
C ILE A 306 -5.88 13.68 10.84
N THR A 307 -5.65 12.50 10.27
CA THR A 307 -4.98 11.39 10.93
C THR A 307 -3.56 11.75 11.40
N LEU A 308 -2.75 12.32 10.51
CA LEU A 308 -1.37 12.68 10.82
C LEU A 308 -1.23 13.82 11.82
N LEU A 309 -2.10 14.84 11.71
CA LEU A 309 -2.11 15.93 12.70
C LEU A 309 -2.57 15.49 14.10
N SER A 310 -3.51 14.54 14.15
CA SER A 310 -4.04 14.02 15.43
C SER A 310 -3.06 13.06 16.13
N LEU A 311 -2.31 12.33 15.31
CA LEU A 311 -1.35 11.36 15.83
C LEU A 311 -0.02 12.02 16.21
N GLY A 312 0.43 12.95 15.37
CA GLY A 312 1.79 13.45 15.46
C GLY A 312 2.80 12.39 15.09
N CYS A 313 4.06 12.81 15.00
CA CYS A 313 5.16 11.88 14.74
C CYS A 313 5.16 10.79 15.78
N SER A 314 5.09 11.21 17.05
CA SER A 314 5.12 10.29 18.19
C SER A 314 4.01 9.24 18.12
N GLY A 315 2.81 9.64 17.71
CA GLY A 315 1.68 8.71 17.59
C GLY A 315 1.86 7.73 16.44
N TYR A 316 2.30 8.23 15.29
CA TYR A 316 2.55 7.36 14.13
C TYR A 316 3.73 6.43 14.40
N ARG A 317 4.78 6.98 14.99
CA ARG A 317 5.95 6.19 15.38
C ARG A 317 5.60 5.08 16.37
N LYS A 318 4.70 5.39 17.31
CA LYS A 318 4.23 4.42 18.28
C LYS A 318 3.42 3.31 17.60
N LEU A 319 2.58 3.69 16.63
CA LEU A 319 1.83 2.69 15.85
C LEU A 319 2.78 1.71 15.13
N LEU A 320 3.88 2.22 14.59
CA LEU A 320 4.88 1.40 13.89
C LEU A 320 5.60 0.41 14.82
N LYS A 321 5.91 0.89 16.03
CA LYS A 321 6.55 0.11 17.08
C LYS A 321 5.60 -1.00 17.55
N GLU A 322 4.33 -0.65 17.76
CA GLU A 322 3.31 -1.59 18.21
C GLU A 322 3.06 -2.71 17.19
N ARG A 323 3.18 -2.38 15.91
CA ARG A 323 3.02 -3.37 14.84
C ARG A 323 4.14 -4.43 14.88
N LYS A 324 5.38 -4.00 15.11
CA LYS A 324 6.51 -4.90 15.27
C LYS A 324 6.30 -5.86 16.42
N GLU A 325 5.80 -5.33 17.53
CA GLU A 325 5.46 -6.11 18.72
C GLU A 325 4.31 -7.07 18.47
N MET A 326 3.32 -6.62 17.70
CA MET A 326 2.19 -7.48 17.38
C MET A 326 2.60 -8.61 16.44
N PHE A 327 3.56 -8.33 15.55
CA PHE A 327 4.14 -9.36 14.68
C PHE A 327 4.79 -10.45 15.52
N VAL A 328 5.64 -10.05 16.47
CA VAL A 328 6.27 -11.00 17.37
C VAL A 328 5.20 -11.81 18.13
N TYR A 329 4.18 -11.12 18.67
CA TYR A 329 3.10 -11.77 19.40
C TYR A 329 2.31 -12.75 18.52
N LEU A 330 1.93 -12.30 17.34
CA LEU A 330 1.21 -13.13 16.36
C LEU A 330 2.01 -14.38 15.96
N SER A 331 3.29 -14.23 15.67
CA SER A 331 4.08 -15.41 15.25
C SER A 331 4.27 -16.42 16.38
N THR A 332 4.55 -15.92 17.59
CA THR A 332 4.74 -16.81 18.73
C THR A 332 3.46 -17.58 19.08
N GLN A 333 2.31 -16.91 18.97
CA GLN A 333 1.01 -17.54 19.19
C GLN A 333 0.58 -18.48 18.06
N LEU A 334 0.86 -18.10 16.83
CA LEU A 334 0.54 -18.94 15.68
C LEU A 334 1.46 -20.15 15.58
N LYS A 335 2.74 -19.96 15.86
CA LYS A 335 3.66 -21.09 15.92
C LYS A 335 3.23 -22.10 16.98
N LYS A 336 2.86 -21.60 18.16
CA LYS A 336 2.37 -22.43 19.26
C LYS A 336 1.11 -23.22 18.89
N LEU A 337 0.12 -22.56 18.29
CA LEU A 337 -1.08 -23.24 17.81
C LEU A 337 -0.75 -24.27 16.73
N ALA A 338 -0.02 -23.84 15.71
CA ALA A 338 0.37 -24.73 14.60
C ALA A 338 0.93 -26.03 15.16
N GLU A 339 2.00 -25.90 15.96
CA GLU A 339 2.68 -27.06 16.54
C GLU A 339 1.77 -27.96 17.39
N ALA A 340 0.82 -27.34 18.10
CA ALA A 340 -0.18 -28.09 18.87
C ALA A 340 -1.13 -28.90 17.97
N HIS A 341 -1.24 -28.53 16.70
CA HIS A 341 -2.04 -29.26 15.72
C HIS A 341 -1.17 -30.07 14.74
N ASN A 342 0.08 -30.27 15.13
CA ASN A 342 1.08 -30.98 14.31
C ASN A 342 1.29 -30.33 12.94
N GLU A 343 1.24 -29.00 12.95
CA GLU A 343 1.56 -28.18 11.79
C GLU A 343 2.79 -27.38 12.18
N ARG A 344 3.25 -26.54 11.27
CA ARG A 344 4.41 -25.70 11.54
C ARG A 344 4.23 -24.31 10.95
N LEU A 345 4.92 -23.34 11.53
CA LEU A 345 5.07 -22.02 10.96
C LEU A 345 6.14 -22.12 9.88
N LEU A 346 5.77 -21.82 8.64
CA LEU A 346 6.73 -21.73 7.55
C LEU A 346 7.82 -20.73 7.90
N GLN A 347 9.06 -21.05 7.52
CA GLN A 347 10.19 -20.20 7.87
C GLN A 347 10.31 -19.08 6.83
N THR A 348 9.74 -17.92 7.17
CA THR A 348 9.75 -16.75 6.28
C THR A 348 10.37 -15.51 6.95
N PRO A 349 11.67 -15.57 7.35
CA PRO A 349 12.26 -14.44 8.06
C PRO A 349 12.45 -13.17 7.23
N HIS A 350 12.33 -13.26 5.91
CA HIS A 350 12.43 -12.09 5.03
C HIS A 350 11.11 -11.35 4.79
N ASN A 351 10.02 -11.90 5.31
CA ASN A 351 8.73 -11.19 5.36
C ASN A 351 8.46 -10.64 6.78
N PRO A 352 8.45 -9.29 6.92
CA PRO A 352 8.28 -8.62 8.22
C PRO A 352 6.82 -8.37 8.65
N ILE A 353 5.86 -8.67 7.79
CA ILE A 353 4.43 -8.39 8.05
C ILE A 353 3.56 -9.64 8.00
N SER A 354 3.81 -10.50 7.01
CA SER A 354 2.94 -11.65 6.74
C SER A 354 3.58 -12.97 7.15
N LEU A 355 2.77 -13.88 7.68
CA LEU A 355 3.22 -15.23 8.01
C LEU A 355 2.25 -16.31 7.57
N ALA A 356 2.71 -17.55 7.62
CA ALA A 356 1.92 -18.67 7.13
C ALA A 356 2.23 -19.93 7.92
N MET A 357 1.18 -20.62 8.35
CA MET A 357 1.30 -21.95 8.93
C MET A 357 0.78 -22.96 7.93
N THR A 358 1.44 -24.11 7.87
CA THR A 358 1.05 -25.19 6.99
C THR A 358 -0.33 -25.74 7.35
N LEU A 359 -1.04 -26.27 6.36
CA LEU A 359 -2.32 -26.96 6.60
C LEU A 359 -2.29 -28.41 6.11
N LYS A 360 -1.11 -29.02 6.19
CA LYS A 360 -0.88 -30.39 5.72
C LYS A 360 -1.78 -31.45 6.34
N THR A 361 -2.19 -31.25 7.60
CA THR A 361 -2.98 -32.26 8.32
C THR A 361 -4.44 -32.35 7.89
N ILE A 362 -4.92 -31.33 7.18
CA ILE A 362 -6.32 -31.30 6.72
C ILE A 362 -6.39 -31.39 5.19
N ASP A 363 -5.29 -31.04 4.54
CA ASP A 363 -5.16 -31.14 3.08
C ASP A 363 -4.86 -32.59 2.64
N GLY A 364 -5.16 -32.92 1.39
CA GLY A 364 -4.82 -34.24 0.84
C GLY A 364 -5.92 -35.29 0.84
N HIS A 365 -7.05 -34.96 1.48
CA HIS A 365 -8.20 -35.88 1.55
C HIS A 365 -9.19 -35.75 0.39
N HIS A 366 -8.90 -34.85 -0.57
CA HIS A 366 -9.79 -34.60 -1.72
C HIS A 366 -11.24 -34.22 -1.33
N ASP A 367 -11.37 -33.37 -0.32
CA ASP A 367 -12.67 -32.99 0.24
C ASP A 367 -12.82 -31.46 0.39
N LYS A 368 -11.86 -30.71 -0.17
CA LYS A 368 -11.87 -29.24 -0.18
C LYS A 368 -11.75 -28.64 1.22
N ALA A 369 -11.04 -29.35 2.09
CA ALA A 369 -10.91 -28.97 3.49
C ALA A 369 -10.22 -27.62 3.70
N VAL A 370 -9.24 -27.31 2.86
CA VAL A 370 -8.50 -26.05 2.97
C VAL A 370 -9.41 -24.85 2.67
N THR A 371 -10.10 -24.88 1.54
CA THR A 371 -11.12 -23.90 1.21
C THR A 371 -12.22 -23.83 2.29
N GLN A 372 -12.71 -24.98 2.73
CA GLN A 372 -13.70 -25.07 3.81
C GLN A 372 -13.24 -24.35 5.10
N LEU A 373 -11.98 -24.53 5.48
CA LEU A 373 -11.41 -23.87 6.67
C LEU A 373 -11.49 -22.35 6.54
N GLY A 374 -11.13 -21.84 5.37
CA GLY A 374 -11.26 -20.41 5.05
C GLY A 374 -12.67 -19.88 5.21
N SER A 375 -13.67 -20.64 4.73
CA SER A 375 -15.08 -20.26 4.87
C SER A 375 -15.55 -20.33 6.32
N MET A 376 -15.05 -21.32 7.06
CA MET A 376 -15.36 -21.49 8.48
C MET A 376 -14.87 -20.32 9.32
N LEU A 377 -13.65 -19.88 9.03
CA LEU A 377 -13.07 -18.71 9.68
C LEU A 377 -13.88 -17.46 9.34
N PHE A 378 -14.26 -17.34 8.07
CA PHE A 378 -15.09 -16.23 7.62
C PHE A 378 -16.45 -16.15 8.35
N THR A 379 -17.13 -17.30 8.49
CA THR A 379 -18.44 -17.32 9.15
C THR A 379 -18.34 -17.17 10.67
N ARG A 380 -17.13 -17.35 11.21
CA ARG A 380 -16.84 -17.09 12.62
C ARG A 380 -16.20 -15.70 12.84
N GLN A 381 -16.44 -14.80 11.88
CA GLN A 381 -16.04 -13.39 11.96
C GLN A 381 -14.52 -13.17 12.10
N VAL A 382 -13.75 -14.07 11.49
CA VAL A 382 -12.32 -13.87 11.30
C VAL A 382 -12.15 -13.30 9.90
N SER A 383 -11.62 -12.09 9.81
CA SER A 383 -11.32 -11.48 8.51
C SER A 383 -9.82 -11.40 8.25
N GLY A 384 -9.46 -11.43 6.97
CA GLY A 384 -8.09 -11.24 6.54
C GLY A 384 -7.23 -12.47 6.46
N ALA A 385 -7.73 -13.61 6.94
CA ALA A 385 -7.00 -14.87 6.81
C ALA A 385 -7.16 -15.42 5.39
N ARG A 386 -6.11 -16.06 4.88
CA ARG A 386 -6.15 -16.66 3.55
C ARG A 386 -5.79 -18.14 3.65
N ALA A 387 -6.75 -18.99 3.34
CA ALA A 387 -6.49 -20.41 3.26
C ALA A 387 -6.12 -20.72 1.81
N VAL A 388 -4.85 -21.04 1.60
CA VAL A 388 -4.30 -21.22 0.26
C VAL A 388 -4.19 -22.72 -0.07
N PRO A 389 -5.00 -23.19 -1.04
CA PRO A 389 -4.87 -24.61 -1.40
C PRO A 389 -3.73 -24.88 -2.40
N LEU A 390 -3.41 -26.16 -2.60
CA LEU A 390 -2.61 -26.55 -3.76
C LEU A 390 -3.56 -26.57 -4.95
N GLY A 391 -3.15 -26.00 -6.08
CA GLY A 391 -3.85 -26.29 -7.34
C GLY A 391 -4.95 -25.36 -7.85
N ASN A 392 -5.04 -24.15 -7.33
CA ASN A 392 -5.93 -23.15 -7.92
C ASN A 392 -5.48 -22.76 -9.32
N VAL A 393 -6.35 -22.96 -10.31
CA VAL A 393 -6.14 -22.40 -11.63
C VAL A 393 -7.10 -21.23 -11.78
N GLN A 394 -6.57 -20.06 -12.13
CA GLN A 394 -7.37 -18.84 -12.24
C GLN A 394 -6.79 -17.92 -13.32
N THR A 395 -7.67 -17.44 -14.19
CA THR A 395 -7.28 -16.52 -15.26
C THR A 395 -7.63 -15.08 -14.87
N VAL A 396 -6.61 -14.22 -14.85
CA VAL A 396 -6.78 -12.80 -14.55
C VAL A 396 -6.40 -11.99 -15.78
N SER A 397 -7.31 -11.10 -16.20
CA SER A 397 -7.12 -10.21 -17.36
C SER A 397 -6.24 -10.80 -18.47
N GLY A 398 -6.65 -11.95 -19.01
CA GLY A 398 -5.93 -12.59 -20.11
C GLY A 398 -4.88 -13.63 -19.76
N HIS A 399 -4.43 -13.63 -18.50
CA HIS A 399 -3.35 -14.52 -18.08
C HIS A 399 -3.84 -15.61 -17.12
N THR A 400 -3.49 -16.86 -17.43
CA THR A 400 -3.88 -18.00 -16.61
C THR A 400 -2.80 -18.33 -15.58
N PHE A 401 -3.18 -18.27 -14.31
CA PHE A 401 -2.28 -18.57 -13.22
C PHE A 401 -2.49 -20.00 -12.72
N ARG A 402 -1.44 -20.81 -12.76
CA ARG A 402 -1.42 -22.07 -12.04
C ARG A 402 -1.08 -21.81 -10.57
N GLY A 403 -1.70 -22.58 -9.67
CA GLY A 403 -1.48 -22.42 -8.23
C GLY A 403 -1.84 -21.04 -7.70
N PHE A 404 -2.90 -20.45 -8.26
CA PHE A 404 -3.31 -19.09 -7.88
C PHE A 404 -3.56 -18.95 -6.37
N MET A 405 -3.02 -17.88 -5.80
CA MET A 405 -3.01 -17.59 -4.36
C MET A 405 -1.68 -17.90 -3.69
N SER A 406 -0.87 -18.77 -4.31
CA SER A 406 0.41 -19.23 -3.72
C SER A 406 1.66 -18.69 -4.43
N HIS A 407 1.46 -17.91 -5.50
CA HIS A 407 2.55 -17.17 -6.18
C HIS A 407 3.55 -18.06 -6.91
N ALA A 408 3.16 -19.31 -7.15
CA ALA A 408 4.01 -20.31 -7.79
C ALA A 408 3.12 -21.41 -8.37
N ASP A 409 3.65 -22.14 -9.34
CA ASP A 409 2.92 -23.24 -9.98
C ASP A 409 2.85 -24.49 -9.10
N ASN A 410 3.89 -24.73 -8.29
CA ASN A 410 3.98 -25.94 -7.47
C ASN A 410 4.53 -25.74 -6.06
N TYR A 411 3.91 -24.86 -5.28
CA TYR A 411 4.31 -24.71 -3.88
C TYR A 411 4.00 -26.02 -3.14
N PRO A 412 4.95 -26.50 -2.31
CA PRO A 412 4.84 -27.86 -1.77
C PRO A 412 3.64 -28.17 -0.85
N CYS A 413 3.01 -27.16 -0.27
CA CYS A 413 1.93 -27.43 0.67
C CYS A 413 0.83 -26.37 0.67
N ALA A 414 -0.33 -26.75 1.20
CA ALA A 414 -1.38 -25.79 1.54
C ALA A 414 -1.02 -25.14 2.88
N TYR A 415 -1.44 -23.89 3.07
CA TYR A 415 -1.09 -23.18 4.29
C TYR A 415 -2.14 -22.12 4.58
N LEU A 416 -2.06 -21.55 5.77
CA LEU A 416 -2.94 -20.45 6.16
C LEU A 416 -2.13 -19.20 6.42
N ASN A 417 -2.57 -18.10 5.83
CA ASN A 417 -1.99 -16.76 6.03
C ASN A 417 -2.61 -15.96 7.16
N ALA A 418 -1.75 -15.22 7.88
CA ALA A 418 -2.15 -14.20 8.84
C ALA A 418 -1.07 -13.14 8.81
N ALA A 419 -1.38 -11.92 9.26
CA ALA A 419 -0.49 -10.80 9.10
C ALA A 419 -0.66 -9.84 10.24
N ALA A 420 0.44 -9.25 10.67
CA ALA A 420 0.41 -8.19 11.68
C ALA A 420 0.59 -6.86 10.98
N ALA A 421 -0.52 -6.22 10.66
CA ALA A 421 -0.50 -4.92 9.99
C ALA A 421 -0.85 -3.81 11.00
N ILE A 422 -0.53 -2.56 10.64
CA ILE A 422 -0.66 -1.42 11.55
C ILE A 422 -2.07 -1.33 12.18
N GLY A 423 -2.14 -1.08 13.49
CA GLY A 423 -3.40 -1.00 14.21
C GLY A 423 -3.92 -2.32 14.76
N MET A 424 -3.20 -3.42 14.51
CA MET A 424 -3.59 -4.71 15.06
C MET A 424 -3.54 -4.69 16.59
N LYS A 425 -4.54 -5.32 17.20
CA LYS A 425 -4.60 -5.41 18.67
C LYS A 425 -4.41 -6.83 19.14
N MET A 426 -4.07 -6.99 20.42
CA MET A 426 -3.90 -8.32 21.01
C MET A 426 -5.14 -9.19 20.90
N GLN A 427 -6.33 -8.58 21.02
CA GLN A 427 -7.58 -9.31 20.84
C GLN A 427 -7.77 -9.81 19.40
N ASP A 428 -7.13 -9.16 18.42
CA ASP A 428 -7.15 -9.66 17.04
C ASP A 428 -6.44 -11.00 16.95
N VAL A 429 -5.26 -11.09 17.57
CA VAL A 429 -4.51 -12.34 17.58
C VAL A 429 -5.25 -13.38 18.41
N ASP A 430 -5.65 -13.00 19.63
CA ASP A 430 -6.25 -13.92 20.60
C ASP A 430 -7.53 -14.58 20.11
N LEU A 431 -8.44 -13.78 19.56
CA LEU A 431 -9.69 -14.33 19.02
C LEU A 431 -9.42 -15.21 17.82
N PHE A 432 -8.48 -14.77 16.96
CA PHE A 432 -8.09 -15.53 15.78
C PHE A 432 -7.58 -16.91 16.18
N ILE A 433 -6.64 -16.93 17.12
CA ILE A 433 -6.05 -18.18 17.61
C ILE A 433 -7.14 -19.10 18.18
N LYS A 434 -8.02 -18.52 19.00
CA LYS A 434 -9.13 -19.25 19.62
C LYS A 434 -10.05 -19.93 18.60
N ARG A 435 -10.50 -19.15 17.62
CA ARG A 435 -11.42 -19.64 16.58
C ARG A 435 -10.75 -20.58 15.59
N LEU A 436 -9.48 -20.31 15.29
CA LEU A 436 -8.71 -21.20 14.40
C LEU A 436 -8.50 -22.58 15.03
N ASP A 437 -8.16 -22.60 16.32
CA ASP A 437 -8.03 -23.83 17.07
C ASP A 437 -9.32 -24.66 17.00
N LYS A 438 -10.47 -24.02 17.22
CA LYS A 438 -11.76 -24.71 17.20
C LYS A 438 -12.10 -25.25 15.81
N CYS A 439 -11.83 -24.45 14.77
CA CYS A 439 -12.04 -24.84 13.38
C CYS A 439 -11.20 -26.06 12.97
N LEU A 440 -9.92 -26.05 13.34
CA LEU A 440 -9.01 -27.16 13.06
C LEU A 440 -9.49 -28.45 13.70
N ASN A 441 -9.92 -28.36 14.96
CA ASN A 441 -10.57 -29.47 15.67
C ASN A 441 -11.81 -30.02 14.97
N ILE A 442 -12.67 -29.12 14.48
CA ILE A 442 -13.88 -29.55 13.77
C ILE A 442 -13.52 -30.32 12.51
N VAL A 443 -12.68 -29.73 11.66
CA VAL A 443 -12.25 -30.37 10.40
C VAL A 443 -11.63 -31.74 10.63
N ARG A 444 -10.66 -31.80 11.54
CA ARG A 444 -9.97 -33.06 11.84
C ARG A 444 -10.90 -34.13 12.40
N LYS A 445 -11.83 -33.73 13.27
CA LYS A 445 -12.84 -34.64 13.79
C LYS A 445 -13.69 -35.20 12.65
N GLU A 446 -14.09 -34.33 11.72
CA GLU A 446 -14.87 -34.75 10.54
C GLU A 446 -14.11 -35.76 9.67
N GLN A 447 -12.83 -35.47 9.42
CA GLN A 447 -11.97 -36.39 8.65
C GLN A 447 -11.64 -37.67 9.43
N THR A 448 -12.06 -37.69 10.69
CA THR A 448 -11.81 -38.79 11.64
C THR A 448 -10.32 -39.11 11.78
I IOD B . -12.22 23.13 -13.37
I IOD C . -6.50 -10.52 -5.03
I IOD D . -5.65 19.36 -16.32
I IOD E . 13.32 -18.70 10.66
I IOD F . 5.76 13.05 -19.71
I IOD G . 20.84 -6.51 -23.91
I IOD H . -20.59 -10.23 15.06
I IOD I . 18.25 -15.82 -8.36
I IOD I . 20.28 -14.26 -5.40
I IOD J . -31.09 18.10 0.09
I IOD K . 13.32 6.47 -19.50
I IOD K . 12.34 7.36 -18.03
I IOD L . 7.57 -23.77 -6.59
I IOD M . -10.78 -9.51 -14.23
I IOD N . -9.79 -6.72 -17.73
I IOD O . 16.44 -3.16 -27.66
I IOD P . -9.87 -14.72 23.54
I IOD Q . 9.69 -4.02 10.15
I IOD R . -7.15 25.74 -7.07
I IOD S . 20.98 3.52 2.83
I IOD T . -15.74 -20.18 17.24
I IOD T . -14.52 -20.42 19.30
I IOD U . 7.22 13.80 10.69
I IOD V . 10.75 16.52 5.35
I IOD W . 7.36 4.62 20.45
I IOD X . 5.44 -12.43 22.43
I IOD X . 3.39 -15.04 24.21
I IOD Y . 6.01 -28.27 2.81
I IOD Z . -9.08 -27.03 -1.33
I IOD AA . -12.42 -11.59 4.57
I IOD BA . -3.92 -24.31 20.31
I IOD BA . -2.69 -22.83 21.32
I IOD CA . -18.87 -22.98 10.19
I IOD CA . -18.63 -22.32 6.60
I IOD DA . -16.28 -11.58 20.64
I IOD EA . -14.61 -30.36 17.89
I IOD FA . 20.52 5.14 -12.18
I IOD GA . 10.06 19.90 -11.03
I IOD HA . 2.75 19.76 -3.37
I IOD IA . 17.52 10.74 -9.46
I IOD JA . -3.44 -4.37 22.24
I IOD JA . -6.65 -5.65 23.05
I IOD KA . -2.00 -8.60 -22.20
I IOD LA . 8.60 11.68 17.88
I IOD MA . -14.81 -16.45 20.27
I IOD NA . -25.07 26.02 -2.35
I IOD OA . -3.61 22.32 -5.96
I IOD PA . -0.89 26.67 -1.76
I IOD QA . 9.64 -5.78 18.79
I IOD QA . 8.81 -7.60 21.21
I IOD RA . -9.25 -17.83 -6.30
I IOD SA . 16.91 -18.08 -16.36
I IOD TA . 9.46 -12.91 15.28
I IOD UA . 8.48 -5.34 -29.44
I IOD VA . 12.33 -6.31 3.88
I IOD WA . 1.94 8.95 21.55
I IOD XA . -8.69 15.85 21.83
I IOD XA . -9.95 18.81 22.26
I IOD YA . -4.70 4.79 16.98
I IOD ZA . -4.34 34.48 17.04
I IOD AB . 19.16 8.15 -3.24
I IOD AB . 21.41 7.70 0.40
I IOD BB . 15.04 13.69 13.31
I IOD CB . 12.30 12.52 -16.49
I IOD DB . 15.47 -1.61 9.24
I IOD DB . 14.30 -2.09 10.75
I IOD EB . 7.61 -13.15 -23.04
I IOD FB . 3.79 23.28 3.29
I IOD GB . 0.78 29.66 4.08
I IOD HB . -10.40 -31.40 -4.21
I IOD HB . -9.27 -30.82 -2.51
I IOD IB . -16.36 -23.74 1.24
I IOD JB . 6.27 17.04 -1.45
I IOD KB . 5.18 16.88 -7.65
#